data_3RWL
#
_entry.id   3RWL
#
_cell.length_a   112.604
_cell.length_b   112.604
_cell.length_c   41.964
_cell.angle_alpha   90.000
_cell.angle_beta   90.000
_cell.angle_gamma   120.000
#
_symmetry.space_group_name_H-M   'P 31'
#
loop_
_entity.id
_entity.type
_entity.pdbx_description
1 polymer 'Cytochrome P450 alkane hydroxylase 1 CYP153A7'
2 non-polymer 'PROTOPORPHYRIN IX CONTAINING FE'
3 water water
#
_entity_poly.entity_id   1
_entity_poly.type   'polypeptide(L)'
_entity_poly.pdbx_seq_one_letter_code
;MVHHHHHHSSGEHTGQSAAATMPLDSIDVSIPELFYNDSVGEYFKRLRKDDPVHYCADSAFGPYWSITKYNDIMHVDTNH
DIFSSDAGYGGIIIDDGIQKGGDGGLDLPNFIAMDRPRHDEQRKAVSPIVAPANLAALEGTIRERVSKTLDGLPVGEEFD
WVDRVSIEITTQMLATLFDFPFEERRKLTRWSDVTTAAPGGGVVESWDQRKTELLECAAYFQVLWNERVNKDPGNDLISM
LAHSPATRNMTPEEYLGNVLLLIVGGNDTTRNSMTGGVLALHKNPDQFAKLKANPALVETMVPEIIRWQTPLAHMRRTAI
ADSELGGKTIRKGDKVVMWYYSGNRDDEVIDRPEEFIIDRPRPRQHLSFGFGIHRCVGNRLAEMQLRILWEEILTRFSRI
EVMAEPERVRSNFVRGYAKMMVRVHA
;
_entity_poly.pdbx_strand_id   A
#
# COMPACT_ATOMS: atom_id res chain seq x y z
N GLN A 16 18.73 17.52 14.71
CA GLN A 16 19.23 16.27 14.02
C GLN A 16 20.48 16.56 13.17
N SER A 17 21.40 15.58 13.13
CA SER A 17 22.64 15.69 12.30
C SER A 17 22.36 15.94 10.78
N ALA A 18 23.32 16.54 10.08
CA ALA A 18 23.24 16.82 8.67
C ALA A 18 23.56 15.54 7.87
N ALA A 19 22.59 15.03 7.12
CA ALA A 19 22.71 13.78 6.39
C ALA A 19 23.93 13.83 5.46
N ALA A 20 24.18 14.98 4.87
CA ALA A 20 25.19 15.12 3.79
C ALA A 20 26.62 14.85 4.27
N THR A 21 26.90 15.07 5.55
CA THR A 21 28.29 14.96 6.04
C THR A 21 28.45 14.13 7.30
N MET A 22 27.40 13.70 7.99
CA MET A 22 27.60 13.01 9.25
C MET A 22 28.24 11.63 9.07
N PRO A 23 28.78 11.03 10.15
CA PRO A 23 29.35 9.75 10.03
C PRO A 23 28.31 8.72 9.52
N LEU A 24 28.70 7.88 8.59
CA LEU A 24 27.80 6.85 8.02
C LEU A 24 27.25 5.92 9.11
N ASP A 25 28.09 5.56 10.08
CA ASP A 25 27.61 4.71 11.10
C ASP A 25 26.67 5.31 12.12
N SER A 26 26.41 6.61 12.07
CA SER A 26 25.37 7.21 12.86
C SER A 26 23.99 7.31 12.19
N ILE A 27 23.89 6.90 10.94
CA ILE A 27 22.68 7.09 10.18
C ILE A 27 21.75 5.93 10.52
N ASP A 28 20.63 6.27 11.12
CA ASP A 28 19.53 5.31 11.42
C ASP A 28 18.26 5.79 10.70
N VAL A 29 18.05 5.29 9.52
CA VAL A 29 16.88 5.65 8.68
C VAL A 29 15.53 5.13 9.18
N SER A 30 15.51 4.30 10.26
CA SER A 30 14.23 3.74 10.73
C SER A 30 13.47 4.64 11.65
N ILE A 31 14.07 5.76 12.04
CA ILE A 31 13.47 6.66 13.00
C ILE A 31 12.18 7.29 12.43
N PRO A 32 11.00 6.96 13.03
CA PRO A 32 9.74 7.37 12.43
C PRO A 32 9.59 8.86 12.32
N GLU A 33 10.16 9.60 13.26
CA GLU A 33 10.16 11.09 13.20
C GLU A 33 10.71 11.60 11.87
N LEU A 34 11.65 10.91 11.30
CA LEU A 34 12.21 11.34 9.99
C LEU A 34 11.25 11.23 8.81
N PHE A 35 10.32 10.28 8.89
CA PHE A 35 9.22 10.16 7.93
C PHE A 35 8.18 11.24 8.25
N TYR A 36 7.91 11.43 9.53
CA TYR A 36 6.92 12.39 9.98
C TYR A 36 7.24 13.79 9.46
N ASN A 37 8.51 14.20 9.56
CA ASN A 37 8.93 15.52 9.17
C ASN A 37 9.50 15.49 7.74
N ASP A 38 9.38 14.34 7.06
CA ASP A 38 9.80 14.16 5.68
C ASP A 38 11.24 14.60 5.34
N SER A 39 12.17 14.43 6.26
CA SER A 39 13.60 14.62 6.03
C SER A 39 14.32 13.30 5.70
N VAL A 40 13.65 12.16 5.87
CA VAL A 40 14.35 10.88 5.73
C VAL A 40 14.97 10.72 4.35
N GLY A 41 14.36 11.35 3.32
CA GLY A 41 14.89 11.28 1.96
C GLY A 41 16.35 11.74 1.84
N GLU A 42 16.73 12.72 2.63
CA GLU A 42 18.08 13.23 2.63
C GLU A 42 19.09 12.15 3.10
N TYR A 43 18.71 11.37 4.09
CA TYR A 43 19.55 10.31 4.62
C TYR A 43 19.67 9.15 3.61
N PHE A 44 18.54 8.82 2.95
CA PHE A 44 18.58 7.83 1.90
C PHE A 44 19.46 8.26 0.76
N LYS A 45 19.38 9.54 0.42
CA LYS A 45 20.23 10.09 -0.65
C LYS A 45 21.75 9.87 -0.32
N ARG A 46 22.09 10.12 0.94
CA ARG A 46 23.47 9.94 1.41
C ARG A 46 23.90 8.48 1.32
N LEU A 47 23.03 7.54 1.76
CA LEU A 47 23.30 6.12 1.65
C LEU A 47 23.42 5.60 0.22
N ARG A 48 22.51 6.00 -0.70
CA ARG A 48 22.55 5.50 -2.04
C ARG A 48 23.94 5.88 -2.64
N LYS A 49 24.45 7.08 -2.32
CA LYS A 49 25.71 7.55 -2.84
C LYS A 49 26.90 6.92 -2.15
N ASP A 50 26.90 6.77 -0.83
CA ASP A 50 28.11 6.49 -0.08
C ASP A 50 28.10 5.18 0.69
N ASP A 51 26.94 4.55 0.91
CA ASP A 51 26.99 3.19 1.49
C ASP A 51 25.67 2.52 1.18
N PRO A 52 25.48 2.10 -0.06
CA PRO A 52 24.08 1.73 -0.48
C PRO A 52 23.51 0.46 0.10
N VAL A 53 24.39 -0.45 0.51
CA VAL A 53 23.97 -1.62 1.33
C VAL A 53 24.50 -1.37 2.75
N HIS A 54 23.66 -0.76 3.57
CA HIS A 54 24.12 -0.08 4.76
C HIS A 54 23.74 -0.81 6.02
N TYR A 55 24.73 -1.12 6.85
CA TYR A 55 24.42 -1.82 8.12
C TYR A 55 24.25 -0.90 9.26
N CYS A 56 23.16 -1.04 10.01
CA CYS A 56 22.93 -0.26 11.23
C CYS A 56 23.01 -1.27 12.38
N ALA A 57 23.93 -1.09 13.32
CA ALA A 57 24.25 -2.08 14.36
C ALA A 57 23.36 -1.96 15.56
N ASP A 58 22.53 -0.93 15.62
CA ASP A 58 21.81 -0.59 16.88
C ASP A 58 20.66 0.35 16.52
N SER A 59 19.40 -0.02 16.82
CA SER A 59 18.28 0.88 16.62
C SER A 59 17.19 0.50 17.56
N ALA A 60 16.08 1.22 17.48
CA ALA A 60 14.92 0.87 18.21
C ALA A 60 14.32 -0.46 17.78
N PHE A 61 14.67 -0.94 16.58
CA PHE A 61 14.23 -2.18 16.04
C PHE A 61 15.25 -3.30 16.06
N GLY A 62 16.40 -3.02 16.62
CA GLY A 62 17.52 -3.94 16.58
C GLY A 62 18.40 -3.59 15.37
N PRO A 63 19.44 -4.41 15.15
CA PRO A 63 20.34 -4.21 14.04
C PRO A 63 19.65 -4.63 12.68
N TYR A 64 20.01 -3.98 11.60
CA TYR A 64 19.44 -4.28 10.30
C TYR A 64 20.26 -3.71 9.17
N TRP A 65 20.14 -4.34 8.02
CA TRP A 65 20.63 -3.79 6.75
C TRP A 65 19.58 -2.98 6.05
N SER A 66 19.99 -1.85 5.48
CA SER A 66 19.16 -0.99 4.62
C SER A 66 19.61 -1.16 3.20
N ILE A 67 18.70 -1.63 2.38
CA ILE A 67 18.93 -1.77 0.96
C ILE A 67 18.26 -0.62 0.25
N THR A 68 19.08 0.21 -0.41
CA THR A 68 18.67 1.61 -0.74
C THR A 68 18.57 1.85 -2.23
N LYS A 69 19.09 0.91 -3.02
CA LYS A 69 19.20 1.10 -4.45
C LYS A 69 18.26 0.14 -5.13
N TYR A 70 17.73 0.57 -6.29
CA TYR A 70 16.61 -0.13 -7.04
C TYR A 70 16.99 -1.57 -7.40
N ASN A 71 18.14 -1.78 -8.04
CA ASN A 71 18.50 -3.11 -8.47
C ASN A 71 18.82 -4.05 -7.33
N ASP A 72 19.47 -3.55 -6.27
CA ASP A 72 19.73 -4.33 -5.07
C ASP A 72 18.40 -4.74 -4.40
N ILE A 73 17.46 -3.82 -4.28
CA ILE A 73 16.19 -4.12 -3.65
C ILE A 73 15.48 -5.25 -4.46
N MET A 74 15.40 -5.11 -5.78
CA MET A 74 14.85 -6.20 -6.63
CA MET A 74 14.80 -6.22 -6.57
C MET A 74 15.53 -7.55 -6.40
N HIS A 75 16.87 -7.52 -6.26
CA HIS A 75 17.60 -8.75 -5.99
C HIS A 75 17.06 -9.40 -4.71
N VAL A 76 16.94 -8.64 -3.64
CA VAL A 76 16.42 -9.16 -2.36
C VAL A 76 14.96 -9.73 -2.49
N ASP A 77 14.11 -8.93 -3.07
CA ASP A 77 12.66 -9.20 -3.19
C ASP A 77 12.47 -10.49 -4.04
N THR A 78 13.25 -10.67 -5.10
CA THR A 78 13.12 -11.83 -6.02
C THR A 78 13.92 -13.05 -5.60
N ASN A 79 14.68 -12.94 -4.50
CA ASN A 79 15.43 -14.08 -3.94
C ASN A 79 14.89 -14.52 -2.62
N HIS A 80 13.67 -15.07 -2.66
CA HIS A 80 13.01 -15.57 -1.47
C HIS A 80 13.65 -16.79 -0.84
N ASP A 81 14.40 -17.58 -1.61
CA ASP A 81 15.06 -18.70 -0.96
C ASP A 81 16.23 -18.26 -0.07
N ILE A 82 16.70 -17.01 -0.16
CA ILE A 82 17.77 -16.50 0.71
C ILE A 82 17.18 -15.54 1.71
N PHE A 83 16.22 -14.73 1.26
CA PHE A 83 15.63 -13.67 2.10
C PHE A 83 14.15 -14.01 2.35
N SER A 84 13.87 -14.55 3.54
CA SER A 84 12.60 -15.09 3.89
C SER A 84 11.63 -14.02 4.50
N SER A 85 10.36 -14.26 4.23
CA SER A 85 9.24 -13.49 4.70
C SER A 85 8.55 -14.16 5.92
N ASP A 86 9.03 -15.33 6.37
CA ASP A 86 8.23 -16.15 7.33
C ASP A 86 7.99 -15.46 8.66
N ALA A 87 6.75 -15.49 9.14
CA ALA A 87 6.36 -14.96 10.37
C ALA A 87 7.26 -15.47 11.52
N GLY A 88 7.79 -16.66 11.37
CA GLY A 88 8.61 -17.31 12.41
C GLY A 88 9.91 -16.55 12.65
N TYR A 89 10.38 -15.81 11.64
CA TYR A 89 11.61 -15.01 11.76
C TYR A 89 11.33 -13.58 12.12
N GLY A 90 10.06 -13.24 12.27
CA GLY A 90 9.66 -11.88 12.57
C GLY A 90 8.80 -11.20 11.50
N GLY A 91 8.59 -11.88 10.39
CA GLY A 91 7.70 -11.38 9.36
C GLY A 91 8.33 -10.34 8.43
N ILE A 92 7.52 -9.35 8.07
CA ILE A 92 7.84 -8.54 6.93
C ILE A 92 7.93 -7.03 7.16
N ILE A 93 7.91 -6.63 8.42
CA ILE A 93 8.12 -5.18 8.79
C ILE A 93 9.45 -5.16 9.58
N ILE A 94 10.10 -4.02 9.64
CA ILE A 94 11.33 -3.86 10.43
C ILE A 94 11.12 -4.20 11.93
N ASP A 95 9.95 -3.92 12.43
CA ASP A 95 9.55 -4.17 13.76
C ASP A 95 9.08 -5.62 13.85
N ASP A 96 9.83 -6.48 14.53
CA ASP A 96 9.39 -7.91 14.67
C ASP A 96 7.92 -8.12 15.14
N GLY A 97 7.18 -9.04 14.50
CA GLY A 97 5.73 -9.28 14.84
C GLY A 97 5.48 -10.05 16.16
N ILE A 98 4.20 -10.21 16.58
CA ILE A 98 3.81 -10.84 17.90
C ILE A 98 3.68 -12.36 17.78
N LEU A 106 -6.42 -15.84 18.47
CA LEU A 106 -6.73 -15.87 17.02
C LEU A 106 -5.52 -15.97 16.09
N ASP A 107 -5.32 -17.17 15.56
CA ASP A 107 -4.11 -17.57 14.86
C ASP A 107 -4.49 -17.87 13.41
N LEU A 108 -4.36 -16.86 12.56
CA LEU A 108 -4.85 -16.92 11.22
C LEU A 108 -3.68 -16.93 10.31
N PRO A 109 -3.73 -17.70 9.25
CA PRO A 109 -2.66 -17.65 8.29
C PRO A 109 -2.57 -16.25 7.65
N ASN A 110 -1.34 -15.79 7.54
CA ASN A 110 -1.07 -14.49 6.99
C ASN A 110 -0.14 -14.77 5.80
N PHE A 111 -0.68 -14.81 4.59
CA PHE A 111 0.17 -15.22 3.48
C PHE A 111 1.32 -14.30 3.03
N ILE A 112 1.32 -13.02 3.43
CA ILE A 112 2.42 -12.16 3.07
C ILE A 112 3.61 -12.58 3.92
N ALA A 113 3.36 -13.09 5.12
CA ALA A 113 4.43 -13.52 6.07
C ALA A 113 4.60 -15.08 6.05
N MET A 114 4.84 -15.58 4.85
CA MET A 114 4.89 -17.00 4.54
C MET A 114 5.75 -17.22 3.34
N ASP A 115 6.55 -18.29 3.35
CA ASP A 115 7.30 -18.66 2.20
C ASP A 115 6.67 -19.87 1.48
N ARG A 116 7.20 -20.12 0.28
CA ARG A 116 6.98 -21.33 -0.47
C ARG A 116 7.15 -22.59 0.40
N PRO A 117 6.32 -23.66 0.20
CA PRO A 117 5.21 -23.77 -0.77
C PRO A 117 3.84 -23.22 -0.39
N ARG A 118 3.59 -22.97 0.89
CA ARG A 118 2.23 -22.58 1.40
C ARG A 118 1.69 -21.26 0.82
N HIS A 119 2.59 -20.30 0.67
CA HIS A 119 2.16 -18.98 0.13
C HIS A 119 1.43 -19.12 -1.23
N ASP A 120 2.07 -19.86 -2.08
CA ASP A 120 1.64 -19.96 -3.44
C ASP A 120 0.21 -20.46 -3.62
N GLU A 121 -0.25 -21.43 -2.82
CA GLU A 121 -1.63 -21.89 -2.98
C GLU A 121 -2.57 -20.86 -2.37
N GLN A 122 -2.19 -20.23 -1.25
CA GLN A 122 -3.05 -19.15 -0.71
CA GLN A 122 -3.03 -19.16 -0.73
C GLN A 122 -3.11 -17.99 -1.69
N ARG A 123 -1.98 -17.57 -2.29
CA ARG A 123 -2.04 -16.49 -3.30
CA ARG A 123 -2.03 -16.48 -3.30
C ARG A 123 -2.82 -16.85 -4.55
N LYS A 124 -2.66 -18.09 -5.04
CA LYS A 124 -3.38 -18.56 -6.28
C LYS A 124 -4.93 -18.52 -6.08
N ALA A 125 -5.40 -18.74 -4.85
CA ALA A 125 -6.84 -18.63 -4.59
C ALA A 125 -7.37 -17.26 -5.11
N VAL A 126 -6.66 -16.22 -4.73
CA VAL A 126 -7.08 -14.85 -4.82
C VAL A 126 -6.80 -14.14 -6.16
N SER A 127 -5.86 -14.64 -6.97
CA SER A 127 -5.43 -13.86 -8.16
C SER A 127 -6.46 -13.63 -9.35
N PRO A 128 -7.58 -14.34 -9.44
CA PRO A 128 -8.84 -13.85 -10.10
C PRO A 128 -9.08 -12.35 -10.11
N ILE A 129 -8.80 -11.68 -8.97
CA ILE A 129 -8.57 -10.21 -8.82
C ILE A 129 -7.50 -9.55 -9.69
N VAL A 130 -6.53 -10.34 -10.13
CA VAL A 130 -5.50 -9.81 -11.06
C VAL A 130 -6.08 -9.86 -12.53
N ALA A 131 -7.07 -10.71 -12.77
CA ALA A 131 -7.59 -10.92 -14.12
C ALA A 131 -8.12 -9.57 -14.61
N PRO A 132 -7.61 -9.10 -15.77
CA PRO A 132 -8.05 -7.78 -16.24
C PRO A 132 -9.50 -7.93 -16.66
N ALA A 133 -9.82 -9.11 -17.17
CA ALA A 133 -11.18 -9.50 -17.55
C ALA A 133 -12.14 -9.28 -16.42
N ASN A 134 -11.78 -9.77 -15.24
CA ASN A 134 -12.65 -9.55 -14.07
C ASN A 134 -12.79 -8.12 -13.62
N LEU A 135 -11.68 -7.41 -13.53
CA LEU A 135 -11.71 -6.04 -13.12
C LEU A 135 -12.54 -5.18 -14.07
N ALA A 136 -12.55 -5.51 -15.36
CA ALA A 136 -13.25 -4.70 -16.37
C ALA A 136 -14.76 -4.66 -16.04
N ALA A 137 -15.28 -5.77 -15.54
CA ALA A 137 -16.69 -5.89 -15.11
C ALA A 137 -17.03 -4.97 -13.92
N LEU A 138 -16.01 -4.57 -13.12
CA LEU A 138 -16.28 -3.71 -11.92
C LEU A 138 -16.29 -2.22 -12.27
N GLU A 139 -15.87 -1.84 -13.46
CA GLU A 139 -15.61 -0.44 -13.75
C GLU A 139 -16.82 0.47 -13.53
N GLY A 140 -17.97 -0.01 -13.95
CA GLY A 140 -19.18 0.83 -13.94
C GLY A 140 -19.58 1.09 -12.49
N THR A 141 -19.50 0.05 -11.68
CA THR A 141 -19.80 0.16 -10.23
C THR A 141 -18.81 1.15 -9.57
N ILE A 142 -17.51 1.00 -9.87
CA ILE A 142 -16.48 1.93 -9.31
C ILE A 142 -16.81 3.37 -9.69
N ARG A 143 -17.09 3.59 -10.97
CA ARG A 143 -17.31 4.96 -11.44
C ARG A 143 -18.55 5.59 -10.84
N GLU A 144 -19.64 4.84 -10.75
CA GLU A 144 -20.87 5.44 -10.19
C GLU A 144 -20.59 5.79 -8.75
N ARG A 145 -19.89 4.88 -8.02
CA ARG A 145 -19.59 5.20 -6.61
C ARG A 145 -18.66 6.43 -6.46
N VAL A 146 -17.61 6.55 -7.28
CA VAL A 146 -16.74 7.73 -7.22
C VAL A 146 -17.53 9.01 -7.59
N SER A 147 -18.31 8.92 -8.68
CA SER A 147 -19.17 10.04 -9.12
C SER A 147 -20.03 10.64 -8.05
N LYS A 148 -20.75 9.80 -7.33
CA LYS A 148 -21.57 10.25 -6.21
C LYS A 148 -20.79 10.96 -5.13
N THR A 149 -19.58 10.45 -4.78
CA THR A 149 -18.83 11.17 -3.75
C THR A 149 -18.39 12.56 -4.25
N LEU A 150 -17.90 12.61 -5.49
CA LEU A 150 -17.33 13.86 -5.97
C LEU A 150 -18.46 14.92 -6.16
N ASP A 151 -19.64 14.46 -6.56
CA ASP A 151 -20.86 15.33 -6.74
C ASP A 151 -21.32 15.95 -5.43
N GLY A 152 -20.95 15.32 -4.29
CA GLY A 152 -21.28 15.78 -2.95
C GLY A 152 -20.29 16.68 -2.20
N LEU A 153 -19.13 16.96 -2.80
CA LEU A 153 -18.11 17.75 -2.18
C LEU A 153 -18.48 19.23 -2.28
N PRO A 154 -18.21 19.97 -1.22
CA PRO A 154 -18.37 21.39 -1.29
C PRO A 154 -17.47 21.98 -2.31
N VAL A 155 -17.98 22.99 -3.01
CA VAL A 155 -17.17 23.74 -3.93
C VAL A 155 -16.82 25.13 -3.34
N GLY A 156 -15.53 25.48 -3.37
CA GLY A 156 -15.06 26.75 -2.87
C GLY A 156 -14.97 26.84 -1.36
N GLU A 157 -15.18 25.73 -0.68
CA GLU A 157 -15.14 25.66 0.77
C GLU A 157 -14.04 24.61 1.21
N GLU A 158 -13.28 24.91 2.25
CA GLU A 158 -12.25 23.98 2.73
C GLU A 158 -12.85 22.74 3.33
N PHE A 159 -12.28 21.57 3.03
CA PHE A 159 -12.67 20.32 3.68
C PHE A 159 -11.45 19.34 3.76
N ASP A 160 -11.59 18.28 4.51
CA ASP A 160 -10.44 17.33 4.68
C ASP A 160 -10.52 16.31 3.59
N TRP A 161 -9.67 16.45 2.60
CA TRP A 161 -9.54 15.46 1.53
C TRP A 161 -9.37 14.03 2.03
N VAL A 162 -8.63 13.85 3.10
CA VAL A 162 -8.39 12.51 3.60
C VAL A 162 -9.70 11.86 4.01
N ASP A 163 -10.48 12.60 4.80
CA ASP A 163 -11.74 12.08 5.34
C ASP A 163 -12.77 11.94 4.22
N ARG A 164 -12.94 13.02 3.45
CA ARG A 164 -14.05 13.07 2.47
C ARG A 164 -13.86 12.23 1.22
N VAL A 165 -12.61 12.03 0.80
CA VAL A 165 -12.34 11.38 -0.48
C VAL A 165 -11.53 10.13 -0.23
N SER A 166 -10.32 10.27 0.29
CA SER A 166 -9.43 9.11 0.36
C SER A 166 -9.98 7.97 1.17
N ILE A 167 -10.35 8.21 2.42
CA ILE A 167 -10.91 7.12 3.21
C ILE A 167 -12.24 6.64 2.57
N GLU A 168 -13.05 7.61 2.12
CA GLU A 168 -14.41 7.28 1.63
C GLU A 168 -14.29 6.39 0.41
N ILE A 169 -13.50 6.81 -0.55
CA ILE A 169 -13.36 6.11 -1.83
CA ILE A 169 -13.49 6.02 -1.77
C ILE A 169 -12.67 4.72 -1.65
N THR A 170 -11.65 4.70 -0.79
CA THR A 170 -11.01 3.37 -0.45
C THR A 170 -11.97 2.40 0.16
N THR A 171 -12.85 2.88 1.03
CA THR A 171 -13.83 2.02 1.62
C THR A 171 -14.79 1.52 0.55
N GLN A 172 -15.14 2.36 -0.44
CA GLN A 172 -15.90 1.88 -1.61
C GLN A 172 -15.22 0.80 -2.39
N MET A 173 -13.90 0.95 -2.64
CA MET A 173 -13.16 -0.01 -3.42
C MET A 173 -13.15 -1.39 -2.76
N LEU A 174 -13.02 -1.43 -1.44
CA LEU A 174 -13.09 -2.71 -0.78
C LEU A 174 -14.56 -3.30 -0.84
N ALA A 175 -15.56 -2.43 -0.68
CA ALA A 175 -16.96 -2.91 -0.74
C ALA A 175 -17.18 -3.48 -2.18
N THR A 176 -16.68 -2.79 -3.22
CA THR A 176 -16.77 -3.31 -4.60
C THR A 176 -16.11 -4.66 -4.80
N LEU A 177 -14.87 -4.82 -4.31
CA LEU A 177 -14.14 -6.09 -4.37
C LEU A 177 -14.91 -7.29 -3.78
N PHE A 178 -15.53 -7.11 -2.62
CA PHE A 178 -16.30 -8.16 -1.97
C PHE A 178 -17.83 -8.14 -2.26
N ASP A 179 -18.27 -7.21 -3.12
CA ASP A 179 -19.67 -6.80 -3.23
C ASP A 179 -20.30 -6.79 -1.84
N PHE A 180 -19.65 -6.07 -0.93
CA PHE A 180 -20.13 -6.04 0.42
C PHE A 180 -21.33 -5.07 0.44
N PRO A 181 -22.43 -5.41 1.15
CA PRO A 181 -23.62 -4.52 1.35
C PRO A 181 -23.19 -3.06 1.60
N PHE A 182 -23.48 -2.21 0.63
CA PHE A 182 -22.76 -0.99 0.45
C PHE A 182 -22.90 -0.01 1.62
N GLU A 183 -24.14 0.09 2.10
CA GLU A 183 -24.50 0.83 3.29
C GLU A 183 -23.76 0.40 4.58
N GLU A 184 -23.28 -0.83 4.61
CA GLU A 184 -22.52 -1.31 5.75
C GLU A 184 -20.99 -1.29 5.63
N ARG A 185 -20.49 -0.61 4.62
CA ARG A 185 -19.10 -0.69 4.22
C ARG A 185 -18.11 -0.21 5.28
N ARG A 186 -18.56 0.64 6.21
CA ARG A 186 -17.74 1.10 7.32
C ARG A 186 -17.29 -0.06 8.20
N LYS A 187 -18.00 -1.16 8.15
CA LYS A 187 -17.57 -2.33 8.86
C LYS A 187 -16.23 -2.81 8.41
N LEU A 188 -15.90 -2.68 7.14
CA LEU A 188 -14.63 -3.15 6.60
C LEU A 188 -13.44 -2.38 7.18
N THR A 189 -13.57 -1.08 7.27
CA THR A 189 -12.49 -0.24 7.87
C THR A 189 -12.41 -0.44 9.40
N ARG A 190 -13.54 -0.61 10.09
CA ARG A 190 -13.49 -1.09 11.48
C ARG A 190 -12.72 -2.43 11.65
N TRP A 191 -13.00 -3.44 10.83
CA TRP A 191 -12.33 -4.69 10.94
C TRP A 191 -10.83 -4.53 10.57
N SER A 192 -10.54 -3.65 9.63
CA SER A 192 -9.13 -3.32 9.31
C SER A 192 -8.39 -2.72 10.53
N ASP A 193 -9.05 -1.81 11.24
CA ASP A 193 -8.45 -1.11 12.37
C ASP A 193 -8.17 -2.15 13.50
N VAL A 194 -9.13 -3.04 13.73
CA VAL A 194 -9.07 -4.04 14.81
C VAL A 194 -7.94 -5.06 14.55
N THR A 195 -7.71 -5.39 13.27
CA THR A 195 -6.73 -6.38 12.91
C THR A 195 -5.33 -5.98 13.42
N THR A 196 -4.99 -4.71 13.35
CA THR A 196 -3.63 -4.31 13.81
C THR A 196 -3.64 -3.59 15.18
N ALA A 197 -4.75 -3.69 15.94
CA ALA A 197 -4.90 -3.00 17.19
C ALA A 197 -4.41 -3.82 18.38
N ALA A 198 -4.14 -3.12 19.48
CA ALA A 198 -3.78 -3.74 20.77
C ALA A 198 -4.42 -2.93 21.90
N PRO A 199 -4.77 -3.60 23.01
CA PRO A 199 -5.38 -2.92 24.10
C PRO A 199 -4.46 -1.80 24.53
N GLY A 200 -5.08 -0.74 24.98
CA GLY A 200 -4.40 0.48 25.37
C GLY A 200 -4.30 1.54 24.30
N GLY A 201 -4.53 1.17 23.06
CA GLY A 201 -4.53 2.08 21.92
C GLY A 201 -5.78 2.89 21.69
N GLY A 202 -6.86 2.61 22.38
CA GLY A 202 -8.13 3.29 22.14
C GLY A 202 -8.91 2.78 20.91
N VAL A 203 -8.45 1.72 20.24
CA VAL A 203 -9.20 1.03 19.17
C VAL A 203 -10.00 -0.15 19.65
N VAL A 204 -9.33 -1.05 20.34
CA VAL A 204 -9.95 -2.13 21.07
C VAL A 204 -9.52 -2.04 22.52
N GLU A 205 -10.43 -2.39 23.42
CA GLU A 205 -10.13 -2.34 24.85
C GLU A 205 -9.53 -3.63 25.37
N SER A 206 -9.57 -4.69 24.58
CA SER A 206 -9.06 -5.99 25.08
C SER A 206 -8.82 -6.93 23.91
N TRP A 207 -8.05 -7.95 24.16
CA TRP A 207 -7.86 -9.00 23.17
C TRP A 207 -9.15 -9.76 22.90
N ASP A 208 -9.99 -9.90 23.90
CA ASP A 208 -11.29 -10.53 23.71
C ASP A 208 -12.15 -9.74 22.76
N GLN A 209 -12.18 -8.43 22.90
CA GLN A 209 -13.02 -7.63 22.05
C GLN A 209 -12.53 -7.75 20.61
N ARG A 210 -11.21 -7.71 20.45
CA ARG A 210 -10.61 -7.86 19.13
C ARG A 210 -10.99 -9.21 18.54
N LYS A 211 -10.82 -10.28 19.30
CA LYS A 211 -11.18 -11.62 18.81
CA LYS A 211 -11.21 -11.63 18.84
C LYS A 211 -12.68 -11.67 18.46
N THR A 212 -13.52 -11.18 19.38
CA THR A 212 -14.93 -11.08 19.16
C THR A 212 -15.30 -10.36 17.86
N GLU A 213 -14.71 -9.18 17.63
CA GLU A 213 -14.94 -8.50 16.34
C GLU A 213 -14.45 -9.22 15.09
N LEU A 214 -13.28 -9.85 15.14
CA LEU A 214 -12.83 -10.58 13.97
C LEU A 214 -13.69 -11.88 13.73
N LEU A 215 -14.20 -12.51 14.79
CA LEU A 215 -15.19 -13.59 14.60
C LEU A 215 -16.50 -13.07 14.06
N GLU A 216 -16.94 -11.86 14.43
CA GLU A 216 -18.07 -11.24 13.74
C GLU A 216 -17.82 -11.00 12.26
N CYS A 217 -16.59 -10.66 11.91
CA CYS A 217 -16.20 -10.50 10.50
C CYS A 217 -16.28 -11.84 9.79
N ALA A 218 -15.69 -12.90 10.37
CA ALA A 218 -15.72 -14.24 9.81
C ALA A 218 -17.21 -14.64 9.61
N ALA A 219 -18.05 -14.48 10.64
CA ALA A 219 -19.51 -14.80 10.52
C ALA A 219 -20.20 -14.04 9.37
N TYR A 220 -19.95 -12.75 9.22
CA TYR A 220 -20.49 -11.96 8.13
C TYR A 220 -20.06 -12.47 6.76
N PHE A 221 -18.75 -12.70 6.57
CA PHE A 221 -18.26 -13.18 5.32
C PHE A 221 -18.72 -14.61 5.02
N GLN A 222 -18.97 -15.36 6.06
CA GLN A 222 -19.56 -16.71 5.92
C GLN A 222 -21.04 -16.63 5.49
N VAL A 223 -21.82 -15.68 5.98
CA VAL A 223 -23.14 -15.46 5.46
C VAL A 223 -23.07 -15.19 3.94
N LEU A 224 -22.16 -14.27 3.58
CA LEU A 224 -21.99 -13.87 2.20
C LEU A 224 -21.65 -15.06 1.32
N TRP A 225 -20.72 -15.88 1.79
CA TRP A 225 -20.31 -17.05 1.08
C TRP A 225 -21.56 -17.99 0.91
N ASN A 226 -22.32 -18.17 1.98
CA ASN A 226 -23.46 -19.13 1.97
C ASN A 226 -24.54 -18.68 1.01
N GLU A 227 -24.79 -17.38 0.99
CA GLU A 227 -25.68 -16.79 0.00
C GLU A 227 -25.21 -16.83 -1.43
N ARG A 228 -23.90 -16.96 -1.65
CA ARG A 228 -23.40 -16.86 -3.00
C ARG A 228 -23.03 -18.16 -3.62
N VAL A 229 -22.69 -19.16 -2.81
CA VAL A 229 -22.16 -20.37 -3.35
C VAL A 229 -23.15 -21.06 -4.26
N ASN A 230 -24.44 -20.95 -4.00
CA ASN A 230 -25.44 -21.58 -4.90
C ASN A 230 -26.19 -20.62 -5.79
N LYS A 231 -25.59 -19.49 -6.16
CA LYS A 231 -26.25 -18.53 -7.04
C LYS A 231 -25.28 -18.43 -8.20
N ASP A 232 -25.70 -17.89 -9.32
CA ASP A 232 -24.75 -17.62 -10.34
C ASP A 232 -23.64 -16.74 -9.70
N PRO A 233 -22.38 -16.97 -10.09
CA PRO A 233 -21.36 -16.13 -9.49
C PRO A 233 -21.45 -14.66 -9.94
N GLY A 234 -21.23 -13.72 -9.03
CA GLY A 234 -20.96 -12.32 -9.44
C GLY A 234 -19.53 -12.08 -9.93
N ASN A 235 -19.16 -10.81 -10.09
CA ASN A 235 -17.78 -10.47 -10.35
C ASN A 235 -16.96 -10.17 -9.07
N ASP A 236 -17.54 -10.36 -7.92
CA ASP A 236 -16.85 -10.09 -6.65
C ASP A 236 -16.00 -11.28 -6.19
N LEU A 237 -15.11 -11.00 -5.24
CA LEU A 237 -14.22 -12.02 -4.79
C LEU A 237 -14.86 -13.19 -4.08
N ILE A 238 -15.87 -12.96 -3.25
CA ILE A 238 -16.48 -14.01 -2.50
C ILE A 238 -17.20 -15.03 -3.44
N SER A 239 -17.98 -14.53 -4.39
CA SER A 239 -18.57 -15.39 -5.44
C SER A 239 -17.51 -16.19 -6.12
N MET A 240 -16.44 -15.53 -6.56
CA MET A 240 -15.43 -16.20 -7.33
C MET A 240 -14.73 -17.24 -6.53
N LEU A 241 -14.42 -16.96 -5.27
CA LEU A 241 -13.79 -17.98 -4.42
C LEU A 241 -14.75 -19.20 -4.23
N ALA A 242 -16.01 -18.89 -4.03
CA ALA A 242 -17.02 -19.91 -3.73
C ALA A 242 -17.30 -20.82 -4.95
N HIS A 243 -17.11 -20.32 -6.16
CA HIS A 243 -17.35 -21.09 -7.41
C HIS A 243 -16.09 -21.65 -8.02
N SER A 244 -14.97 -21.41 -7.38
CA SER A 244 -13.75 -21.81 -7.96
C SER A 244 -13.40 -23.16 -7.40
N PRO A 245 -13.04 -24.11 -8.30
CA PRO A 245 -12.70 -25.43 -7.79
C PRO A 245 -11.38 -25.46 -6.98
N ALA A 246 -10.44 -24.56 -7.28
CA ALA A 246 -9.21 -24.43 -6.46
C ALA A 246 -9.52 -24.22 -4.97
N THR A 247 -10.60 -23.55 -4.61
CA THR A 247 -10.82 -23.36 -3.19
C THR A 247 -11.50 -24.51 -2.41
N ARG A 248 -11.60 -25.73 -2.98
CA ARG A 248 -12.37 -26.83 -2.34
C ARG A 248 -11.92 -27.05 -0.91
N ASN A 249 -10.59 -27.07 -0.74
CA ASN A 249 -9.96 -27.36 0.54
C ASN A 249 -9.62 -26.10 1.43
N MET A 250 -10.23 -24.94 1.11
CA MET A 250 -10.00 -23.68 1.86
C MET A 250 -10.79 -23.71 3.18
N THR A 251 -10.07 -23.70 4.28
CA THR A 251 -10.65 -23.75 5.59
C THR A 251 -11.22 -22.38 5.96
N PRO A 252 -12.11 -22.32 6.94
CA PRO A 252 -12.55 -21.01 7.38
C PRO A 252 -11.45 -20.06 7.93
N GLU A 253 -10.38 -20.59 8.49
CA GLU A 253 -9.28 -19.75 8.93
C GLU A 253 -8.56 -19.08 7.74
N GLU A 254 -8.39 -19.81 6.63
CA GLU A 254 -7.77 -19.32 5.39
C GLU A 254 -8.64 -18.30 4.75
N TYR A 255 -9.97 -18.47 4.84
CA TYR A 255 -10.90 -17.55 4.26
C TYR A 255 -10.78 -16.24 4.99
N LEU A 256 -10.88 -16.28 6.31
CA LEU A 256 -10.78 -15.06 7.13
C LEU A 256 -9.38 -14.37 6.98
N GLY A 257 -8.34 -15.18 6.95
CA GLY A 257 -6.95 -14.67 6.81
C GLY A 257 -6.77 -14.00 5.47
N ASN A 258 -7.31 -14.60 4.42
CA ASN A 258 -7.28 -13.96 3.09
C ASN A 258 -8.08 -12.65 3.00
N VAL A 259 -9.27 -12.65 3.61
CA VAL A 259 -10.10 -11.48 3.60
C VAL A 259 -9.44 -10.29 4.38
N LEU A 260 -8.91 -10.55 5.58
CA LEU A 260 -8.27 -9.49 6.38
C LEU A 260 -6.96 -8.97 5.73
N LEU A 261 -6.21 -9.86 5.07
CA LEU A 261 -4.96 -9.47 4.41
C LEU A 261 -5.28 -8.62 3.21
N LEU A 262 -6.35 -8.95 2.49
CA LEU A 262 -6.75 -8.05 1.40
C LEU A 262 -7.25 -6.70 1.91
N ILE A 263 -8.07 -6.68 2.96
CA ILE A 263 -8.54 -5.45 3.49
C ILE A 263 -7.37 -4.56 3.98
N VAL A 264 -6.48 -5.15 4.75
CA VAL A 264 -5.35 -4.35 5.27
C VAL A 264 -4.40 -3.93 4.15
N GLY A 265 -4.14 -4.82 3.17
CA GLY A 265 -3.19 -4.56 2.10
C GLY A 265 -3.70 -3.40 1.22
N GLY A 266 -5.01 -3.29 1.06
CA GLY A 266 -5.65 -2.31 0.16
C GLY A 266 -6.01 -0.99 0.80
N ASN A 267 -6.03 -0.96 2.10
CA ASN A 267 -6.66 0.12 2.79
C ASN A 267 -5.75 1.36 2.88
N ASP A 268 -4.78 1.36 3.80
CA ASP A 268 -3.96 2.57 3.78
C ASP A 268 -3.14 2.90 2.55
N THR A 269 -2.72 1.90 1.80
CA THR A 269 -1.93 2.16 0.60
C THR A 269 -2.75 3.00 -0.43
N THR A 270 -3.96 2.54 -0.72
CA THR A 270 -4.83 3.23 -1.70
C THR A 270 -5.24 4.63 -1.17
N ARG A 271 -5.61 4.73 0.10
CA ARG A 271 -5.89 5.98 0.78
CA ARG A 271 -5.92 6.02 0.74
C ARG A 271 -4.81 7.04 0.56
N ASN A 272 -3.54 6.63 0.81
CA ASN A 272 -2.43 7.54 0.73
C ASN A 272 -1.99 7.86 -0.72
N SER A 273 -2.30 6.98 -1.64
CA SER A 273 -2.12 7.23 -3.01
C SER A 273 -3.20 8.22 -3.53
N MET A 274 -4.41 8.11 -2.97
CA MET A 274 -5.44 9.05 -3.32
C MET A 274 -5.09 10.49 -2.84
N THR A 275 -4.57 10.63 -1.62
CA THR A 275 -4.17 11.89 -1.06
C THR A 275 -2.90 12.42 -1.73
N GLY A 276 -1.91 11.54 -1.89
CA GLY A 276 -0.65 11.90 -2.50
C GLY A 276 -0.71 12.52 -3.90
N GLY A 277 -1.59 12.00 -4.77
CA GLY A 277 -1.60 12.49 -6.12
C GLY A 277 -2.13 13.97 -6.14
N VAL A 278 -2.98 14.32 -5.18
CA VAL A 278 -3.52 15.67 -5.06
C VAL A 278 -2.40 16.61 -4.64
N LEU A 279 -1.56 16.14 -3.73
CA LEU A 279 -0.48 16.96 -3.27
C LEU A 279 0.57 17.15 -4.36
N ALA A 280 0.92 16.06 -5.08
CA ALA A 280 1.85 16.16 -6.15
C ALA A 280 1.40 17.15 -7.26
N LEU A 281 0.12 17.02 -7.65
CA LEU A 281 -0.42 17.91 -8.71
C LEU A 281 -0.48 19.39 -8.26
N HIS A 282 -0.66 19.63 -6.97
CA HIS A 282 -0.64 20.96 -6.39
C HIS A 282 0.77 21.56 -6.42
N LYS A 283 1.75 20.72 -6.15
CA LYS A 283 3.12 21.15 -6.11
C LYS A 283 3.76 21.23 -7.49
N ASN A 284 3.16 20.58 -8.50
CA ASN A 284 3.64 20.61 -9.87
C ASN A 284 2.49 21.10 -10.78
N PRO A 285 2.09 22.37 -10.61
CA PRO A 285 0.91 22.81 -11.42
C PRO A 285 1.11 22.71 -12.95
N ASP A 286 2.33 22.61 -13.44
CA ASP A 286 2.56 22.41 -14.89
C ASP A 286 2.14 21.04 -15.29
N GLN A 287 2.28 20.03 -14.41
CA GLN A 287 1.85 18.69 -14.78
C GLN A 287 0.32 18.63 -14.77
N PHE A 288 -0.29 19.38 -13.88
CA PHE A 288 -1.72 19.44 -13.82
C PHE A 288 -2.27 20.12 -15.10
N ALA A 289 -1.62 21.20 -15.55
CA ALA A 289 -1.95 21.83 -16.88
C ALA A 289 -1.85 20.78 -17.98
N LYS A 290 -0.78 19.98 -18.02
CA LYS A 290 -0.69 18.99 -19.09
C LYS A 290 -1.80 17.94 -18.98
N LEU A 291 -2.18 17.58 -17.75
CA LEU A 291 -3.19 16.53 -17.57
C LEU A 291 -4.54 17.05 -18.06
N LYS A 292 -4.88 18.29 -17.70
CA LYS A 292 -6.16 18.87 -18.22
C LYS A 292 -6.16 19.00 -19.72
N ALA A 293 -5.04 19.38 -20.32
CA ALA A 293 -4.94 19.49 -21.78
C ALA A 293 -5.01 18.12 -22.46
N ASN A 294 -4.47 17.07 -21.81
CA ASN A 294 -4.61 15.69 -22.34
C ASN A 294 -5.03 14.62 -21.29
N PRO A 295 -6.34 14.56 -20.97
CA PRO A 295 -6.84 13.69 -19.90
C PRO A 295 -6.50 12.21 -20.04
N ALA A 296 -6.20 11.77 -21.26
CA ALA A 296 -5.64 10.46 -21.50
C ALA A 296 -4.35 10.15 -20.69
N LEU A 297 -3.61 11.16 -20.26
CA LEU A 297 -2.40 10.95 -19.43
C LEU A 297 -2.70 10.37 -18.01
N VAL A 298 -3.99 10.28 -17.66
CA VAL A 298 -4.36 9.64 -16.44
C VAL A 298 -3.72 8.24 -16.34
N GLU A 299 -3.67 7.50 -17.44
CA GLU A 299 -3.14 6.17 -17.43
C GLU A 299 -1.66 6.10 -17.05
N THR A 300 -0.86 7.05 -17.52
CA THR A 300 0.58 7.05 -17.19
C THR A 300 0.88 7.91 -15.94
N MET A 301 -0.07 8.72 -15.50
CA MET A 301 0.07 9.48 -14.31
C MET A 301 -0.12 8.55 -13.03
N VAL A 302 -1.08 7.64 -13.06
CA VAL A 302 -1.45 6.84 -11.90
C VAL A 302 -0.19 6.05 -11.36
N PRO A 303 0.56 5.36 -12.22
CA PRO A 303 1.80 4.73 -11.75
C PRO A 303 2.84 5.72 -11.22
N GLU A 304 2.94 6.92 -11.82
CA GLU A 304 3.78 7.98 -11.27
C GLU A 304 3.37 8.42 -9.88
N ILE A 305 2.07 8.58 -9.61
CA ILE A 305 1.58 8.90 -8.28
CA ILE A 305 1.62 8.91 -8.28
C ILE A 305 2.10 7.87 -7.30
N ILE A 306 1.98 6.60 -7.67
CA ILE A 306 2.32 5.45 -6.81
CA ILE A 306 2.29 5.51 -6.77
C ILE A 306 3.83 5.45 -6.55
N ARG A 307 4.64 5.75 -7.58
CA ARG A 307 6.12 5.91 -7.36
C ARG A 307 6.45 7.07 -6.45
N TRP A 308 5.79 8.21 -6.69
CA TRP A 308 6.07 9.39 -5.94
C TRP A 308 5.64 9.26 -4.50
N GLN A 309 4.49 8.62 -4.25
CA GLN A 309 4.04 8.50 -2.89
C GLN A 309 4.77 7.38 -2.17
N THR A 310 5.07 6.28 -2.85
CA THR A 310 5.59 5.06 -2.18
C THR A 310 4.88 4.76 -0.86
N PRO A 311 3.58 4.43 -0.95
CA PRO A 311 2.69 4.35 0.21
C PRO A 311 3.22 3.40 1.30
N LEU A 312 3.86 2.32 0.89
CA LEU A 312 4.63 1.47 1.87
C LEU A 312 6.10 1.70 1.56
N ALA A 313 6.81 2.26 2.52
CA ALA A 313 8.18 2.76 2.34
C ALA A 313 9.19 1.63 2.35
N HIS A 314 8.86 0.53 3.03
CA HIS A 314 9.70 -0.63 3.02
C HIS A 314 8.94 -1.92 3.09
N MET A 315 9.66 -3.02 2.78
CA MET A 315 9.29 -4.34 3.34
C MET A 315 10.58 -5.00 3.82
N ARG A 316 10.43 -5.94 4.72
CA ARG A 316 11.59 -6.51 5.34
C ARG A 316 11.66 -7.99 5.13
N ARG A 317 12.87 -8.53 5.30
CA ARG A 317 13.10 -9.96 5.14
C ARG A 317 14.08 -10.35 6.22
N THR A 318 14.32 -11.63 6.32
CA THR A 318 15.32 -12.18 7.22
C THR A 318 16.18 -13.17 6.40
N ALA A 319 17.51 -13.01 6.44
CA ALA A 319 18.38 -13.89 5.68
C ALA A 319 18.36 -15.27 6.31
N ILE A 320 18.23 -16.30 5.49
CA ILE A 320 18.38 -17.64 5.98
C ILE A 320 19.59 -18.34 5.46
N ALA A 321 20.52 -17.65 4.84
CA ALA A 321 21.78 -18.23 4.38
C ALA A 321 22.67 -17.05 4.20
N ASP A 322 24.01 -17.17 4.43
CA ASP A 322 24.91 -16.06 4.07
C ASP A 322 24.82 -15.81 2.56
N SER A 323 25.02 -14.56 2.14
CA SER A 323 25.07 -14.21 0.74
C SER A 323 25.74 -12.87 0.59
N GLU A 324 26.09 -12.51 -0.64
CA GLU A 324 26.80 -11.25 -0.94
C GLU A 324 25.89 -10.30 -1.69
N LEU A 325 25.97 -9.03 -1.37
CA LEU A 325 25.19 -8.04 -2.04
C LEU A 325 25.90 -6.71 -1.92
N GLY A 326 26.17 -6.11 -3.04
CA GLY A 326 26.85 -4.82 -3.07
C GLY A 326 28.24 -4.85 -2.45
N GLY A 327 28.92 -5.97 -2.51
CA GLY A 327 30.24 -6.08 -1.86
C GLY A 327 30.19 -6.39 -0.39
N LYS A 328 28.98 -6.47 0.19
CA LYS A 328 28.80 -6.74 1.61
C LYS A 328 28.39 -8.20 1.83
N THR A 329 28.73 -8.83 2.97
CA THR A 329 28.14 -10.14 3.34
C THR A 329 27.03 -9.99 4.29
N ILE A 330 25.86 -10.35 3.82
CA ILE A 330 24.70 -10.42 4.64
C ILE A 330 24.64 -11.80 5.23
N ARG A 331 24.62 -11.87 6.56
CA ARG A 331 24.75 -13.13 7.29
C ARG A 331 23.41 -13.72 7.58
N LYS A 332 23.35 -15.07 7.57
CA LYS A 332 22.22 -15.80 8.07
C LYS A 332 21.72 -15.20 9.36
N GLY A 333 20.39 -15.02 9.46
CA GLY A 333 19.78 -14.42 10.62
C GLY A 333 19.66 -12.88 10.62
N ASP A 334 20.36 -12.20 9.71
CA ASP A 334 20.35 -10.77 9.69
C ASP A 334 18.96 -10.28 9.12
N LYS A 335 18.51 -9.16 9.65
CA LYS A 335 17.29 -8.43 9.22
C LYS A 335 17.73 -7.56 8.03
N VAL A 336 16.98 -7.62 6.92
CA VAL A 336 17.27 -6.96 5.69
C VAL A 336 16.02 -6.13 5.31
N VAL A 337 16.20 -4.81 5.20
CA VAL A 337 15.15 -3.86 4.93
C VAL A 337 15.27 -3.31 3.54
N MET A 338 14.25 -3.63 2.71
CA MET A 338 14.12 -3.07 1.36
C MET A 338 13.40 -1.77 1.42
N TRP A 339 14.16 -0.70 1.25
CA TRP A 339 13.60 0.63 1.29
C TRP A 339 13.12 1.09 -0.07
N TYR A 340 11.90 0.62 -0.40
CA TYR A 340 11.25 0.99 -1.67
C TYR A 340 11.20 2.48 -1.94
N TYR A 341 11.01 3.28 -0.88
CA TYR A 341 11.03 4.73 -0.98
C TYR A 341 12.36 5.28 -1.48
N SER A 342 13.45 4.71 -0.99
CA SER A 342 14.77 5.05 -1.56
C SER A 342 15.00 4.59 -2.97
N GLY A 343 14.64 3.32 -3.26
CA GLY A 343 14.89 2.80 -4.57
C GLY A 343 14.11 3.54 -5.66
N ASN A 344 12.94 4.04 -5.29
CA ASN A 344 12.11 4.89 -6.15
C ASN A 344 12.65 6.29 -6.35
N ARG A 345 13.79 6.58 -5.75
CA ARG A 345 14.52 7.83 -5.93
C ARG A 345 15.90 7.59 -6.46
N ASP A 346 16.16 6.40 -6.97
CA ASP A 346 17.45 5.97 -7.44
C ASP A 346 17.67 6.40 -8.92
N ASP A 347 18.51 7.41 -9.13
CA ASP A 347 18.72 7.97 -10.47
C ASP A 347 19.57 7.12 -11.34
N GLU A 348 20.04 5.98 -10.87
CA GLU A 348 20.75 5.12 -11.79
C GLU A 348 19.76 4.31 -12.58
N VAL A 349 18.53 4.25 -12.11
CA VAL A 349 17.48 3.50 -12.86
C VAL A 349 16.40 4.45 -13.41
N ILE A 350 15.97 5.37 -12.59
CA ILE A 350 14.87 6.25 -12.87
C ILE A 350 15.43 7.66 -13.18
N ASP A 351 15.05 8.13 -14.35
CA ASP A 351 15.47 9.43 -14.83
C ASP A 351 14.78 10.56 -14.02
N ARG A 352 15.56 11.51 -13.48
CA ARG A 352 15.05 12.62 -12.69
C ARG A 352 13.98 12.16 -11.68
N PRO A 353 14.41 11.36 -10.71
CA PRO A 353 13.45 10.68 -9.83
C PRO A 353 12.78 11.59 -8.80
N GLU A 354 13.36 12.74 -8.48
CA GLU A 354 12.67 13.66 -7.59
C GLU A 354 11.61 14.48 -8.30
N GLU A 355 11.44 14.31 -9.60
CA GLU A 355 10.45 15.06 -10.34
C GLU A 355 9.20 14.19 -10.56
N PHE A 356 8.06 14.82 -10.35
CA PHE A 356 6.79 14.26 -10.68
C PHE A 356 6.51 14.53 -12.15
N ILE A 357 6.50 13.46 -12.94
CA ILE A 357 6.36 13.54 -14.40
C ILE A 357 5.29 12.61 -14.86
N ILE A 358 4.18 13.13 -15.39
CA ILE A 358 2.98 12.26 -15.62
C ILE A 358 2.99 11.54 -16.92
N ASP A 359 4.01 11.81 -17.73
CA ASP A 359 4.14 11.18 -19.06
C ASP A 359 5.50 10.52 -19.31
N ARG A 360 6.00 9.80 -18.34
CA ARG A 360 7.18 9.04 -18.55
C ARG A 360 6.94 7.96 -19.55
N PRO A 361 7.98 7.53 -20.26
CA PRO A 361 7.81 6.43 -21.19
C PRO A 361 7.49 5.05 -20.53
N ARG A 362 8.05 4.79 -19.35
CA ARG A 362 7.79 3.53 -18.64
C ARG A 362 7.41 3.84 -17.18
N PRO A 363 6.18 4.33 -16.96
CA PRO A 363 5.84 4.77 -15.65
C PRO A 363 5.64 3.65 -14.63
N ARG A 364 5.54 2.40 -15.07
CA ARG A 364 5.47 1.29 -14.16
C ARG A 364 6.85 0.80 -13.70
N GLN A 365 7.92 1.49 -14.05
CA GLN A 365 9.24 1.13 -13.59
C GLN A 365 9.42 1.74 -12.19
N HIS A 366 8.81 1.11 -11.20
CA HIS A 366 8.97 1.52 -9.83
C HIS A 366 8.82 0.32 -8.95
N LEU A 367 9.07 0.56 -7.66
CA LEU A 367 9.16 -0.48 -6.63
C LEU A 367 8.03 -0.52 -5.66
N SER A 368 7.04 0.36 -5.84
CA SER A 368 6.04 0.51 -4.81
C SER A 368 5.18 -0.73 -4.57
N PHE A 369 5.09 -1.64 -5.55
CA PHE A 369 4.36 -2.87 -5.45
C PHE A 369 5.28 -4.08 -5.16
N GLY A 370 6.57 -3.83 -5.00
CA GLY A 370 7.54 -4.88 -4.87
C GLY A 370 7.69 -5.65 -6.18
N PHE A 371 8.54 -6.65 -6.12
CA PHE A 371 8.75 -7.61 -7.19
C PHE A 371 8.92 -8.97 -6.55
N GLY A 372 8.77 -10.06 -7.33
CA GLY A 372 8.93 -11.38 -6.81
C GLY A 372 7.62 -12.03 -6.42
N ILE A 373 7.70 -13.13 -5.72
CA ILE A 373 6.53 -13.97 -5.48
C ILE A 373 5.53 -13.27 -4.52
N HIS A 374 5.96 -12.20 -3.81
CA HIS A 374 5.08 -11.49 -2.93
C HIS A 374 4.71 -10.13 -3.49
N ARG A 375 4.99 -9.85 -4.76
CA ARG A 375 4.58 -8.60 -5.34
C ARG A 375 3.10 -8.35 -5.14
N CYS A 376 2.72 -7.10 -5.01
CA CYS A 376 1.35 -6.76 -4.71
C CYS A 376 0.37 -7.51 -5.64
N VAL A 377 -0.59 -8.21 -5.07
CA VAL A 377 -1.65 -8.86 -5.84
C VAL A 377 -2.80 -7.86 -6.18
N GLY A 378 -2.91 -6.78 -5.40
CA GLY A 378 -3.92 -5.82 -5.58
C GLY A 378 -3.70 -4.69 -6.56
N ASN A 379 -2.56 -4.68 -7.23
CA ASN A 379 -2.11 -3.50 -7.89
C ASN A 379 -3.06 -3.03 -9.03
N ARG A 380 -3.55 -3.98 -9.78
CA ARG A 380 -4.40 -3.64 -10.94
C ARG A 380 -5.73 -3.04 -10.42
N LEU A 381 -6.21 -3.50 -9.30
CA LEU A 381 -7.44 -2.95 -8.71
C LEU A 381 -7.18 -1.53 -8.19
N ALA A 382 -6.00 -1.32 -7.57
CA ALA A 382 -5.64 0.01 -7.06
C ALA A 382 -5.51 0.98 -8.21
N GLU A 383 -4.85 0.59 -9.28
CA GLU A 383 -4.60 1.50 -10.35
C GLU A 383 -5.94 1.85 -11.07
N MET A 384 -6.80 0.85 -11.27
CA MET A 384 -8.15 1.11 -11.86
C MET A 384 -8.94 2.10 -11.03
N GLN A 385 -8.97 1.91 -9.71
CA GLN A 385 -9.61 2.82 -8.80
C GLN A 385 -9.09 4.23 -8.85
N LEU A 386 -7.77 4.36 -8.94
CA LEU A 386 -7.12 5.65 -9.04
C LEU A 386 -7.36 6.31 -10.39
N ARG A 387 -7.35 5.53 -11.45
CA ARG A 387 -7.63 6.06 -12.79
C ARG A 387 -9.06 6.66 -12.84
N ILE A 388 -10.04 5.88 -12.42
CA ILE A 388 -11.45 6.27 -12.45
C ILE A 388 -11.64 7.50 -11.55
N LEU A 389 -11.05 7.51 -10.32
CA LEU A 389 -11.02 8.72 -9.53
C LEU A 389 -10.62 9.95 -10.31
N TRP A 390 -9.45 9.92 -10.94
CA TRP A 390 -8.95 11.11 -11.56
C TRP A 390 -9.77 11.47 -12.88
N GLU A 391 -10.17 10.48 -13.66
CA GLU A 391 -11.03 10.74 -14.85
C GLU A 391 -12.24 11.53 -14.41
N GLU A 392 -12.80 11.13 -13.26
CA GLU A 392 -13.98 11.80 -12.67
C GLU A 392 -13.74 13.16 -11.96
N ILE A 393 -12.53 13.37 -11.42
CA ILE A 393 -12.10 14.67 -10.94
C ILE A 393 -12.00 15.61 -12.13
N LEU A 394 -11.39 15.16 -13.21
CA LEU A 394 -11.04 16.07 -14.29
C LEU A 394 -12.29 16.69 -15.02
N THR A 395 -13.40 15.98 -14.95
CA THR A 395 -14.66 16.34 -15.59
C THR A 395 -15.41 17.38 -14.77
N ARG A 396 -14.98 17.53 -13.51
CA ARG A 396 -15.72 18.31 -12.51
CA ARG A 396 -15.71 18.31 -12.50
C ARG A 396 -14.98 19.55 -12.02
N PHE A 397 -13.66 19.46 -11.83
CA PHE A 397 -12.96 20.50 -11.07
C PHE A 397 -11.85 21.05 -11.85
N SER A 398 -11.65 22.35 -11.80
CA SER A 398 -10.56 22.98 -12.57
C SER A 398 -9.28 23.00 -11.76
N ARG A 399 -9.42 22.89 -10.45
CA ARG A 399 -8.28 22.91 -9.55
C ARG A 399 -8.61 22.25 -8.26
N ILE A 400 -7.63 21.54 -7.70
CA ILE A 400 -7.73 21.03 -6.35
C ILE A 400 -6.62 21.65 -5.52
N GLU A 401 -6.96 22.61 -4.68
CA GLU A 401 -5.96 23.48 -4.09
C GLU A 401 -5.67 23.00 -2.72
N VAL A 402 -4.42 22.66 -2.41
CA VAL A 402 -4.07 22.32 -1.04
C VAL A 402 -3.87 23.60 -0.22
N MET A 403 -4.58 23.71 0.90
CA MET A 403 -4.62 24.92 1.70
C MET A 403 -3.58 24.97 2.79
N ALA A 404 -2.94 23.84 3.17
CA ALA A 404 -1.96 23.80 4.26
C ALA A 404 -1.18 22.48 4.12
N GLU A 405 0.04 22.51 4.61
CA GLU A 405 0.90 21.35 4.57
C GLU A 405 0.13 20.25 5.27
N PRO A 406 -0.04 19.11 4.61
CA PRO A 406 -0.73 18.03 5.30
C PRO A 406 -0.01 17.48 6.53
N GLU A 407 -0.73 16.95 7.47
CA GLU A 407 -0.06 16.25 8.57
CA GLU A 407 -0.18 16.24 8.61
C GLU A 407 0.26 14.81 8.14
N ARG A 408 1.55 14.44 8.24
CA ARG A 408 2.00 13.09 7.86
C ARG A 408 1.81 12.10 8.96
N VAL A 409 1.90 10.84 8.61
CA VAL A 409 1.91 9.75 9.56
C VAL A 409 3.30 9.52 10.14
N ARG A 410 3.39 9.28 11.42
CA ARG A 410 4.64 8.96 12.06
C ARG A 410 4.86 7.48 11.97
N SER A 411 5.44 7.02 10.88
CA SER A 411 5.72 5.63 10.71
C SER A 411 6.90 5.53 9.81
N ASN A 412 7.68 4.44 9.94
CA ASN A 412 8.69 4.10 8.93
C ASN A 412 8.20 3.12 7.90
N PHE A 413 6.92 2.75 8.00
CA PHE A 413 6.33 1.77 7.12
C PHE A 413 5.29 2.40 6.18
N VAL A 414 4.33 3.02 6.81
CA VAL A 414 3.32 3.77 6.07
C VAL A 414 3.83 5.17 5.76
N ARG A 415 3.98 5.47 4.48
CA ARG A 415 4.24 6.81 4.03
C ARG A 415 2.88 7.43 3.66
N GLY A 416 2.32 8.17 4.58
CA GLY A 416 0.94 8.66 4.40
C GLY A 416 0.56 9.94 5.08
N TYR A 417 -0.75 10.22 5.08
CA TYR A 417 -1.22 11.54 5.50
C TYR A 417 -2.47 11.32 6.33
N ALA A 418 -2.51 11.92 7.51
CA ALA A 418 -3.63 11.73 8.45
C ALA A 418 -4.69 12.76 8.11
N LYS A 419 -4.30 13.85 7.50
CA LYS A 419 -5.23 14.98 7.22
C LYS A 419 -4.62 15.90 6.17
N MET A 420 -5.44 16.38 5.25
CA MET A 420 -4.99 17.34 4.24
C MET A 420 -6.18 18.26 3.82
N MET A 421 -6.07 19.56 4.11
CA MET A 421 -7.17 20.51 3.88
CA MET A 421 -7.21 20.45 3.85
C MET A 421 -7.11 20.98 2.45
N VAL A 422 -8.23 20.95 1.74
CA VAL A 422 -8.21 21.36 0.35
C VAL A 422 -9.46 22.19 0.02
N ARG A 423 -9.41 22.84 -1.13
CA ARG A 423 -10.63 23.40 -1.70
C ARG A 423 -10.70 22.98 -3.13
N VAL A 424 -11.87 22.65 -3.62
CA VAL A 424 -12.02 22.38 -5.03
C VAL A 424 -12.70 23.60 -5.69
N HIS A 425 -12.33 23.82 -6.93
CA HIS A 425 -12.83 24.90 -7.80
C HIS A 425 -13.45 24.25 -9.05
N ALA A 426 -14.70 24.67 -9.36
CA ALA A 426 -15.39 24.39 -10.63
C ALA A 426 -14.55 24.86 -11.82
#